data_5G4A
#
_entry.id   5G4A
#
_cell.length_a   82.330
_cell.length_b   82.330
_cell.length_c   79.110
_cell.angle_alpha   90.00
_cell.angle_beta   90.00
_cell.angle_gamma   120.00
#
_symmetry.space_group_name_H-M   'P 32'
#
loop_
_entity.id
_entity.type
_entity.pdbx_description
1 polymer "Aminoglycoside (3'') (9) adenylyltransferase"
2 polymer "Aminoglycoside (3'') (9) adenylyltransferase"
3 non-polymer DI(HYDROXYETHYL)ETHER
4 non-polymer 1,2-ETHANEDIOL
5 non-polymer 'CHLORIDE ION'
6 non-polymer 'MAGNESIUM ION'
7 non-polymer "ADENOSINE-5'-TRIPHOSPHATE"
8 non-polymer 'UNKNOWN ATOM OR ION'
9 non-polymer 'TRIETHYLENE GLYCOL'
10 water water
#
loop_
_entity_poly.entity_id
_entity_poly.type
_entity_poly.pdbx_seq_one_letter_code
_entity_poly.pdbx_strand_id
1 'polypeptide(L)'
;MTLSIPPSIQ(CME)QTEAA(CME)RLITRVTGDTLRAIHLYGSAVAGGLKPNSDIDLLVTI(CSS)QPLTEAQRATLMQ
ELLALSSPPGASAEKRALEVTVVLYSQLVPW(CSS)FPPSREMQFGEWLREDICQGIYEPAQQDWDMVLLITQILETSIP
LKGERAERLFTPAPAAQLLKALRYPLDLWQSTADVQGDEYHIVLTLARIWYTLSTGRFTSKDAAADWLLPQLPEDYAATL
RAAQREYLGLEQQDWHILLPAVVRFVDFAKAHIPTQFTKGHHHHHH
;
A
2 'polypeptide(L)'
;MTLSIPPSIQ(CME)QTEAA(CME)RLITRVTGDTLRAIHLYGSAVAGGLKPNSDIDLLVTI(CSS)QPLTEAQRATLMQ
ELLALSSPPGASAEKRALEVTVVLYSQLVPWCFPPSREMQFGEWLREDICQGIYEPAQQDWDMVLLITQILETSIPLKGE
RAERLFTPAPAAQLLKALRYPLDLWQSTADVQGDEYHIVLTLARIWYTLSTGRFTSKDAAADWLLPQLPEDYAATLRAAQ
REYLGLEQQDWHILLPAVVRFVDFAKAHIPTQFTKGHHHHHH
;
B
#
# COMPACT_ATOMS: atom_id res chain seq x y z
N THR A 2 -10.43 9.11 37.80
CA THR A 2 -9.62 9.51 36.67
C THR A 2 -8.54 8.47 36.33
N LEU A 3 -8.25 8.31 35.05
CA LEU A 3 -7.29 7.32 34.59
C LEU A 3 -5.88 7.64 35.09
N SER A 4 -5.10 6.58 35.29
CA SER A 4 -3.78 6.69 35.93
C SER A 4 -2.66 6.23 35.01
N ILE A 5 -1.51 6.87 35.12
CA ILE A 5 -0.30 6.40 34.44
C ILE A 5 0.34 5.31 35.29
N PRO A 6 0.62 4.13 34.75
CA PRO A 6 1.36 3.12 35.51
C PRO A 6 2.64 3.72 36.09
N PRO A 7 2.84 3.60 37.40
CA PRO A 7 4.10 4.07 38.00
C PRO A 7 5.34 3.62 37.23
N SER A 8 5.34 2.40 36.69
CA SER A 8 6.55 1.85 36.08
C SER A 8 6.90 2.47 34.72
N ILE A 9 6.05 3.31 34.14
CA ILE A 9 6.41 4.03 32.93
C ILE A 9 6.44 5.54 33.12
N GLN A 10 6.17 6.02 34.34
CA GLN A 10 6.06 7.46 34.60
C GLN A 10 7.31 8.24 34.25
N GLN A 12 9.90 7.47 32.17
CA GLN A 12 10.13 7.52 30.72
C GLN A 12 9.05 8.35 29.99
N THR A 13 7.79 8.24 30.43
CA THR A 13 6.71 9.04 29.84
C THR A 13 6.93 10.52 30.06
N GLU A 14 7.33 10.91 31.27
CA GLU A 14 7.64 12.32 31.51
C GLU A 14 8.83 12.77 30.68
N ALA A 15 9.83 11.91 30.50
CA ALA A 15 10.96 12.25 29.65
C ALA A 15 10.54 12.46 28.19
N ALA A 16 9.61 11.65 27.71
CA ALA A 16 9.19 11.78 26.31
C ALA A 16 8.40 13.07 26.11
N ARG A 18 8.69 15.80 27.85
CA ARG A 18 9.59 16.95 27.96
C ARG A 18 10.36 17.16 26.68
N LEU A 19 10.76 16.04 26.06
CA LEU A 19 11.47 16.12 24.79
C LEU A 19 10.56 16.63 23.69
N ILE A 20 9.36 16.05 23.58
CA ILE A 20 8.40 16.52 22.60
C ILE A 20 8.10 18.00 22.80
N THR A 21 7.84 18.40 24.06
CA THR A 21 7.52 19.79 24.36
C THR A 21 8.65 20.72 23.91
N ARG A 22 9.89 20.37 24.27
CA ARG A 22 11.03 21.21 23.93
C ARG A 22 11.19 21.34 22.42
N VAL A 23 11.15 20.23 21.69
CA VAL A 23 11.44 20.26 20.26
C VAL A 23 10.32 20.98 19.48
N THR A 24 9.06 20.72 19.82
CA THR A 24 7.95 21.31 19.07
C THR A 24 7.69 22.75 19.49
N GLY A 25 7.86 23.06 20.78
CA GLY A 25 7.76 24.43 21.24
C GLY A 25 6.41 25.06 20.94
N ASP A 26 6.46 26.13 20.15
CA ASP A 26 5.30 27.00 19.93
C ASP A 26 4.15 26.28 19.23
N THR A 27 4.48 25.33 18.35
CA THR A 27 3.49 24.64 17.54
C THR A 27 2.70 23.59 18.31
N LEU A 28 3.17 23.17 19.49
CA LEU A 28 2.53 22.08 20.21
C LEU A 28 1.15 22.48 20.72
N ARG A 29 0.16 21.64 20.45
CA ARG A 29 -1.19 21.82 20.99
CA ARG A 29 -1.19 21.82 20.99
C ARG A 29 -1.51 20.88 22.13
N ALA A 30 -1.11 19.60 22.04
CA ALA A 30 -1.42 18.63 23.08
C ALA A 30 -0.58 17.36 22.88
N ILE A 31 -0.41 16.63 23.98
CA ILE A 31 0.18 15.29 24.00
C ILE A 31 -0.75 14.39 24.80
N HIS A 32 -1.16 13.26 24.22
CA HIS A 32 -2.02 12.32 24.91
C HIS A 32 -1.35 10.95 24.97
N LEU A 33 -1.43 10.35 26.15
CA LEU A 33 -1.04 8.97 26.36
C LEU A 33 -2.29 8.12 26.19
N TYR A 34 -2.19 7.03 25.42
CA TYR A 34 -3.34 6.17 25.18
C TYR A 34 -2.83 4.73 25.05
N GLY A 35 -3.69 3.83 24.54
CA GLY A 35 -3.25 2.45 24.32
C GLY A 35 -3.15 1.71 25.66
N SER A 36 -2.42 0.60 25.65
CA SER A 36 -2.58 -0.35 26.76
C SER A 36 -2.03 0.19 28.08
N ALA A 37 -1.13 1.17 28.06
CA ALA A 37 -0.68 1.76 29.32
C ALA A 37 -1.84 2.36 30.11
N VAL A 38 -2.85 2.87 29.40
CA VAL A 38 -4.01 3.49 30.02
C VAL A 38 -5.22 2.57 29.98
N ALA A 39 -5.46 1.92 28.83
CA ALA A 39 -6.66 1.11 28.66
C ALA A 39 -6.53 -0.28 29.28
N GLY A 40 -5.32 -0.73 29.59
CA GLY A 40 -5.18 -2.07 30.13
C GLY A 40 -4.44 -3.04 29.24
N GLY A 41 -3.69 -3.95 29.86
CA GLY A 41 -3.00 -4.98 29.10
C GLY A 41 -1.57 -4.59 28.77
N LEU A 42 -0.90 -3.95 29.72
CA LEU A 42 0.48 -3.55 29.52
C LEU A 42 1.38 -4.75 29.78
N LYS A 43 1.94 -5.31 28.73
CA LYS A 43 2.76 -6.51 28.76
C LYS A 43 4.23 -6.15 28.70
N PRO A 44 5.14 -7.08 29.01
CA PRO A 44 6.57 -6.75 28.91
C PRO A 44 7.00 -6.20 27.55
N ASN A 45 6.46 -6.70 26.45
CA ASN A 45 6.82 -6.18 25.13
C ASN A 45 6.01 -4.95 24.73
N SER A 46 5.06 -4.50 25.54
CA SER A 46 4.17 -3.43 25.11
C SER A 46 4.91 -2.11 24.96
N ASP A 47 4.52 -1.33 23.95
CA ASP A 47 5.06 0.00 23.75
C ASP A 47 4.33 1.02 24.65
N ILE A 48 4.79 2.27 24.60
CA ILE A 48 4.10 3.42 25.20
C ILE A 48 3.53 4.25 24.07
N ASP A 49 2.21 4.36 23.98
CA ASP A 49 1.55 5.00 22.83
C ASP A 49 1.27 6.46 23.12
N LEU A 50 1.75 7.35 22.25
CA LEU A 50 1.65 8.78 22.43
C LEU A 50 1.17 9.43 21.13
N LEU A 51 0.16 10.30 21.25
CA LEU A 51 -0.29 11.13 20.13
C LEU A 51 0.10 12.57 20.39
N VAL A 52 0.76 13.19 19.42
CA VAL A 52 1.20 14.59 19.52
C VAL A 52 0.40 15.41 18.51
N THR A 53 -0.40 16.36 19.00
CA THR A 53 -1.19 17.26 18.16
C THR A 53 -0.46 18.60 18.05
N ILE A 54 -0.20 19.04 16.82
CA ILE A 54 0.48 20.31 16.58
C ILE A 54 -0.35 21.20 15.65
N GLN A 56 1.03 23.83 13.42
CA GLN A 56 1.67 23.98 12.12
C GLN A 56 2.57 22.78 11.83
N PRO A 57 2.79 22.47 10.56
CA PRO A 57 3.68 21.36 10.21
C PRO A 57 5.07 21.55 10.81
N LEU A 58 5.77 20.43 11.01
CA LEU A 58 7.11 20.46 11.56
C LEU A 58 8.11 20.77 10.45
N THR A 59 9.07 21.65 10.76
CA THR A 59 10.13 21.90 9.81
C THR A 59 10.97 20.64 9.61
N GLU A 60 11.64 20.60 8.47
CA GLU A 60 12.56 19.51 8.17
C GLU A 60 13.59 19.32 9.27
N ALA A 61 13.89 20.39 10.02
CA ALA A 61 14.87 20.33 11.10
C ALA A 61 14.28 19.75 12.38
N GLN A 62 13.07 20.19 12.76
CA GLN A 62 12.40 19.63 13.92
C GLN A 62 12.19 18.13 13.77
N ARG A 63 11.69 17.70 12.60
CA ARG A 63 11.46 16.29 12.32
C ARG A 63 12.71 15.47 12.60
N ALA A 64 13.86 15.93 12.09
CA ALA A 64 15.12 15.23 12.33
C ALA A 64 15.50 15.23 13.81
N THR A 65 15.36 16.37 14.48
CA THR A 65 15.67 16.46 15.90
C THR A 65 14.80 15.50 16.70
N LEU A 66 13.49 15.57 16.46
CA LEU A 66 12.53 14.72 17.18
C LEU A 66 12.84 13.24 16.97
N MET A 67 13.02 12.83 15.71
CA MET A 67 13.30 11.44 15.39
C MET A 67 14.56 10.95 16.09
N GLN A 68 15.63 11.73 16.01
CA GLN A 68 16.92 11.26 16.54
C GLN A 68 16.87 11.17 18.06
N GLU A 69 16.22 12.12 18.73
N GLU A 69 16.25 12.16 18.70
CA GLU A 69 16.20 12.11 20.18
CA GLU A 69 16.14 12.16 20.15
C GLU A 69 15.14 11.18 20.76
C GLU A 69 15.26 11.03 20.64
N LEU A 70 14.10 10.83 19.99
CA LEU A 70 13.20 9.74 20.39
C LEU A 70 13.91 8.39 20.28
N LEU A 71 14.76 8.25 19.26
CA LEU A 71 15.57 7.05 19.13
C LEU A 71 16.35 6.75 20.40
N ALA A 72 16.88 7.78 21.05
CA ALA A 72 17.63 7.59 22.30
C ALA A 72 16.72 7.46 23.52
N LEU A 73 15.47 7.92 23.42
CA LEU A 73 14.53 7.73 24.52
C LEU A 73 13.79 6.40 24.45
N SER A 74 13.82 5.71 23.31
CA SER A 74 13.08 4.48 23.09
C SER A 74 14.05 3.30 23.01
N SER A 75 13.57 2.11 23.37
CA SER A 75 14.35 0.91 23.14
C SER A 75 13.51 -0.13 22.42
N PRO A 76 14.12 -1.05 21.70
CA PRO A 76 13.33 -2.11 21.04
C PRO A 76 12.46 -2.85 22.06
N PRO A 77 11.25 -3.24 21.67
CA PRO A 77 10.33 -3.87 22.65
C PRO A 77 10.96 -5.11 23.27
N GLY A 78 10.77 -5.26 24.59
CA GLY A 78 11.32 -6.38 25.31
C GLY A 78 12.79 -6.26 25.67
N ALA A 79 13.48 -5.22 25.18
CA ALA A 79 14.90 -5.09 25.46
C ALA A 79 15.14 -4.77 26.93
N SER A 80 14.34 -3.88 27.49
CA SER A 80 14.52 -3.47 28.88
C SER A 80 13.14 -3.35 29.53
N ALA A 81 13.05 -3.79 30.80
CA ALA A 81 11.83 -3.57 31.55
C ALA A 81 11.68 -2.11 32.00
N GLU A 82 12.76 -1.34 32.04
CA GLU A 82 12.70 0.05 32.47
C GLU A 82 12.79 1.05 31.33
N LYS A 83 12.96 0.59 30.09
CA LYS A 83 13.03 1.50 28.95
C LYS A 83 12.25 0.87 27.80
N ARG A 84 10.99 1.29 27.64
CA ARG A 84 10.11 0.64 26.68
C ARG A 84 10.25 1.25 25.29
N ALA A 85 9.69 0.54 24.32
CA ALA A 85 9.49 1.09 22.99
C ALA A 85 8.49 2.22 23.05
N LEU A 86 8.79 3.34 22.40
CA LEU A 86 7.86 4.43 22.27
C LEU A 86 7.23 4.40 20.87
N GLU A 87 5.96 4.73 20.78
CA GLU A 87 5.34 5.05 19.50
C GLU A 87 4.80 6.47 19.60
N VAL A 88 5.28 7.34 18.74
CA VAL A 88 4.89 8.74 18.76
C VAL A 88 4.30 9.05 17.40
N THR A 89 3.01 9.39 17.39
CA THR A 89 2.32 9.78 16.19
C THR A 89 2.04 11.26 16.28
N VAL A 90 2.34 11.99 15.22
CA VAL A 90 2.19 13.44 15.17
C VAL A 90 1.17 13.78 14.09
N VAL A 91 0.22 14.65 14.45
CA VAL A 91 -0.91 14.96 13.59
C VAL A 91 -1.23 16.45 13.72
N LEU A 92 -1.59 17.07 12.60
CA LEU A 92 -2.04 18.44 12.60
C LEU A 92 -3.45 18.54 13.17
N TYR A 93 -3.66 19.50 14.06
CA TYR A 93 -5.00 19.78 14.58
C TYR A 93 -5.99 19.99 13.44
N SER A 94 -5.53 20.59 12.35
CA SER A 94 -6.41 20.91 11.21
C SER A 94 -6.82 19.66 10.42
N GLN A 95 -6.18 18.51 10.65
CA GLN A 95 -6.64 17.27 10.03
C GLN A 95 -7.77 16.61 10.81
N LEU A 96 -8.07 17.08 12.01
CA LEU A 96 -9.03 16.45 12.91
C LEU A 96 -10.19 17.36 13.27
N VAL A 97 -9.99 18.66 13.28
CA VAL A 97 -11.00 19.66 13.60
C VAL A 97 -10.86 20.74 12.54
N PRO A 98 -11.75 20.71 11.54
CA PRO A 98 -12.70 19.61 11.35
C PRO A 98 -12.05 18.40 10.65
N TRP A 99 -12.68 17.25 10.76
CA TRP A 99 -12.12 16.01 10.21
C TRP A 99 -11.80 16.03 8.72
N PHE A 101 -10.95 13.11 5.87
CA PHE A 101 -11.06 11.65 5.74
C PHE A 101 -10.45 11.11 4.46
N PRO A 102 -9.40 10.29 4.59
CA PRO A 102 -8.75 9.97 5.87
C PRO A 102 -7.85 11.09 6.33
N PRO A 103 -7.56 11.13 7.62
CA PRO A 103 -6.61 12.14 8.12
C PRO A 103 -5.21 11.77 7.69
N SER A 104 -4.35 12.78 7.66
CA SER A 104 -2.92 12.57 7.49
C SER A 104 -2.24 12.63 8.85
N ARG A 105 -1.14 11.89 8.96
CA ARG A 105 -0.25 12.03 10.09
C ARG A 105 1.03 12.70 9.62
N GLU A 106 1.52 13.64 10.42
N GLU A 106 1.48 13.67 10.41
CA GLU A 106 2.74 14.37 10.05
CA GLU A 106 2.73 14.38 10.11
C GLU A 106 3.96 13.46 10.11
C GLU A 106 3.92 13.43 10.09
N MET A 107 4.06 12.61 11.14
CA MET A 107 5.15 11.66 11.22
C MET A 107 4.74 10.57 12.19
N GLN A 108 5.45 9.44 12.12
N GLN A 108 5.53 9.50 12.20
CA GLN A 108 5.25 8.38 13.10
CA GLN A 108 5.27 8.33 13.03
C GLN A 108 6.62 7.85 13.47
C GLN A 108 6.61 7.77 13.48
N PHE A 109 6.92 7.89 14.77
CA PHE A 109 8.10 7.25 15.29
C PHE A 109 7.68 5.88 15.84
N GLY A 110 8.48 4.88 15.54
CA GLY A 110 8.29 3.57 16.13
C GLY A 110 9.50 2.69 15.96
N GLU A 111 9.65 1.71 16.85
CA GLU A 111 10.85 0.89 16.82
C GLU A 111 10.94 0.07 15.54
N TRP A 112 9.81 -0.33 14.94
CA TRP A 112 9.84 -1.06 13.69
C TRP A 112 10.51 -0.26 12.58
N LEU A 113 10.75 1.04 12.80
CA LEU A 113 11.44 1.91 11.87
C LEU A 113 12.83 2.30 12.37
N ARG A 114 13.37 1.63 13.38
CA ARG A 114 14.64 2.07 13.95
C ARG A 114 15.76 2.05 12.91
N GLU A 115 15.79 1.02 12.06
CA GLU A 115 16.90 0.91 11.11
C GLU A 115 16.87 2.03 10.07
N ASP A 116 15.68 2.45 9.66
CA ASP A 116 15.58 3.59 8.77
C ASP A 116 15.82 4.90 9.51
N ILE A 117 15.19 5.06 10.67
CA ILE A 117 15.30 6.31 11.41
C ILE A 117 16.74 6.57 11.86
N CYS A 118 17.50 5.50 12.14
CA CYS A 118 18.90 5.68 12.53
C CYS A 118 19.79 6.03 11.34
N GLN A 119 19.25 6.02 10.12
CA GLN A 119 19.98 6.49 8.94
C GLN A 119 19.50 7.85 8.46
N GLY A 120 18.54 8.47 9.13
CA GLY A 120 17.95 9.70 8.66
C GLY A 120 16.82 9.53 7.67
N ILE A 121 16.35 8.32 7.48
CA ILE A 121 15.23 8.01 6.59
C ILE A 121 13.94 8.10 7.42
N TYR A 122 13.11 9.09 7.13
CA TYR A 122 11.87 9.34 7.88
C TYR A 122 10.67 9.20 6.96
N GLU A 123 9.68 8.44 7.40
CA GLU A 123 8.42 8.39 6.69
C GLU A 123 7.84 9.80 6.57
N PRO A 124 7.41 10.23 5.39
CA PRO A 124 6.84 11.58 5.27
C PRO A 124 5.40 11.57 5.74
N ALA A 125 4.84 12.78 5.88
CA ALA A 125 3.41 12.91 6.13
C ALA A 125 2.65 12.13 5.07
N GLN A 126 1.54 11.54 5.46
CA GLN A 126 0.78 10.66 4.56
C GLN A 126 -0.56 10.36 5.19
N GLN A 127 -1.51 9.99 4.33
CA GLN A 127 -2.83 9.55 4.77
C GLN A 127 -2.72 8.28 5.61
N ASP A 128 -3.60 8.17 6.59
CA ASP A 128 -3.59 7.00 7.47
C ASP A 128 -4.97 6.79 8.05
N TRP A 129 -5.70 5.79 7.55
CA TRP A 129 -7.04 5.52 8.08
C TRP A 129 -6.98 5.16 9.55
N ASP A 130 -5.85 4.62 10.01
CA ASP A 130 -5.78 4.26 11.45
C ASP A 130 -5.92 5.48 12.36
N MET A 131 -5.58 6.68 11.87
N MET A 131 -5.59 6.68 11.87
CA MET A 131 -5.75 7.87 12.70
CA MET A 131 -5.74 7.88 12.71
C MET A 131 -7.18 8.01 13.21
C MET A 131 -7.18 8.03 13.20
N VAL A 132 -8.16 7.59 12.40
CA VAL A 132 -9.55 7.62 12.85
C VAL A 132 -9.72 6.71 14.06
N LEU A 133 -9.12 5.53 14.02
CA LEU A 133 -9.17 4.62 15.17
C LEU A 133 -8.44 5.20 16.37
N LEU A 134 -7.25 5.79 16.14
CA LEU A 134 -6.48 6.37 17.24
C LEU A 134 -7.31 7.41 18.01
N ILE A 135 -7.83 8.41 17.29
CA ILE A 135 -8.60 9.48 17.94
C ILE A 135 -9.84 8.92 18.61
N THR A 136 -10.51 7.96 17.98
CA THR A 136 -11.69 7.35 18.63
C THR A 136 -11.29 6.67 19.93
N GLN A 137 -10.17 5.95 19.93
CA GLN A 137 -9.73 5.31 21.17
C GLN A 137 -9.34 6.33 22.22
N ILE A 138 -8.70 7.41 21.78
CA ILE A 138 -8.22 8.47 22.68
C ILE A 138 -9.38 9.25 23.27
N LEU A 139 -10.43 9.49 22.47
CA LEU A 139 -11.65 10.11 22.99
C LEU A 139 -12.23 9.33 24.15
N GLU A 140 -12.16 8.00 24.10
CA GLU A 140 -12.68 7.20 25.20
C GLU A 140 -11.68 7.05 26.34
N THR A 141 -10.45 6.65 26.04
CA THR A 141 -9.48 6.29 27.08
C THR A 141 -8.14 6.96 26.78
N SER A 142 -7.82 8.03 27.49
CA SER A 142 -6.52 8.68 27.31
C SER A 142 -6.23 9.57 28.50
N ILE A 143 -4.96 10.02 28.56
CA ILE A 143 -4.51 10.94 29.58
C ILE A 143 -3.75 12.07 28.90
N PRO A 144 -4.15 13.32 29.09
CA PRO A 144 -3.41 14.45 28.50
C PRO A 144 -2.15 14.75 29.30
N LEU A 145 -0.99 14.42 28.72
CA LEU A 145 0.27 14.81 29.34
C LEU A 145 0.52 16.30 29.17
N LYS A 146 -0.03 16.88 28.11
CA LYS A 146 0.05 18.30 27.84
C LYS A 146 -1.22 18.70 27.10
N GLY A 147 -1.67 19.94 27.32
CA GLY A 147 -2.88 20.38 26.66
C GLY A 147 -4.13 19.81 27.29
N GLU A 148 -5.23 19.93 26.56
CA GLU A 148 -6.55 19.63 27.09
C GLU A 148 -6.91 18.15 26.95
N ARG A 149 -7.81 17.71 27.82
CA ARG A 149 -8.33 16.35 27.72
C ARG A 149 -8.99 16.14 26.36
N ALA A 150 -8.99 14.88 25.92
CA ALA A 150 -9.35 14.57 24.53
C ALA A 150 -10.75 15.05 24.18
N GLU A 151 -11.73 14.82 25.05
CA GLU A 151 -13.12 15.14 24.70
C GLU A 151 -13.34 16.63 24.54
N ARG A 152 -12.40 17.45 25.02
CA ARG A 152 -12.45 18.90 24.84
C ARG A 152 -11.68 19.37 23.62
N LEU A 153 -10.91 18.49 22.99
CA LEU A 153 -10.06 18.88 21.87
C LEU A 153 -10.55 18.33 20.53
N PHE A 154 -10.95 17.07 20.49
CA PHE A 154 -11.35 16.39 19.28
C PHE A 154 -12.85 16.15 19.29
N THR A 155 -13.42 15.90 18.12
CA THR A 155 -14.79 15.48 18.05
C THR A 155 -14.86 14.06 17.46
N PRO A 156 -15.84 13.26 17.87
CA PRO A 156 -15.93 11.91 17.29
C PRO A 156 -16.09 11.97 15.78
N ALA A 157 -15.58 10.95 15.11
CA ALA A 157 -15.82 10.79 13.70
C ALA A 157 -17.23 10.28 13.49
N PRO A 158 -17.82 10.52 12.33
CA PRO A 158 -19.11 9.88 12.02
C PRO A 158 -18.93 8.38 11.99
N ALA A 159 -19.99 7.66 12.37
CA ALA A 159 -19.94 6.20 12.39
C ALA A 159 -19.53 5.65 11.03
N ALA A 160 -19.95 6.29 9.94
CA ALA A 160 -19.64 5.79 8.60
C ALA A 160 -18.13 5.77 8.36
N GLN A 161 -17.42 6.78 8.87
CA GLN A 161 -15.97 6.81 8.64
C GLN A 161 -15.25 5.87 9.60
N LEU A 162 -15.75 5.76 10.82
CA LEU A 162 -15.19 4.77 11.74
C LEU A 162 -15.36 3.36 11.17
N LEU A 163 -16.50 3.07 10.56
CA LEU A 163 -16.69 1.79 9.88
C LEU A 163 -15.65 1.57 8.79
N LYS A 164 -15.45 2.57 7.93
CA LYS A 164 -14.46 2.43 6.86
C LYS A 164 -13.06 2.21 7.43
N ALA A 165 -12.72 2.93 8.49
CA ALA A 165 -11.39 2.79 9.09
C ALA A 165 -11.20 1.41 9.71
N LEU A 166 -12.25 0.87 10.35
CA LEU A 166 -12.13 -0.44 10.98
C LEU A 166 -11.93 -1.55 9.96
N ARG A 167 -12.62 -1.45 8.82
CA ARG A 167 -12.58 -2.48 7.81
C ARG A 167 -11.44 -2.32 6.81
N TYR A 168 -10.81 -1.14 6.77
CA TYR A 168 -9.74 -0.92 5.80
C TYR A 168 -8.59 -1.92 5.89
N PRO A 169 -8.06 -2.29 7.07
CA PRO A 169 -6.96 -3.26 7.12
C PRO A 169 -7.34 -4.65 6.62
N LEU A 170 -8.63 -4.97 6.49
CA LEU A 170 -9.01 -6.26 5.92
C LEU A 170 -8.49 -6.43 4.49
N ASP A 171 -8.31 -5.33 3.75
CA ASP A 171 -7.73 -5.43 2.41
C ASP A 171 -6.21 -5.48 2.44
N LEU A 172 -5.58 -5.19 3.57
CA LEU A 172 -4.12 -5.27 3.65
C LEU A 172 -3.64 -6.70 3.57
N TRP A 173 -4.43 -7.64 4.09
CA TRP A 173 -4.06 -9.04 4.17
C TRP A 173 -4.88 -9.82 3.17
N GLN A 174 -4.27 -10.12 2.02
CA GLN A 174 -4.88 -11.02 1.03
C GLN A 174 -3.99 -12.21 0.71
N SER A 175 -2.68 -12.01 0.62
CA SER A 175 -1.77 -13.09 0.26
C SER A 175 -1.20 -13.75 1.51
N THR A 176 -0.47 -14.84 1.29
CA THR A 176 0.31 -15.47 2.37
C THR A 176 1.41 -14.54 2.85
N ALA A 177 2.16 -13.93 1.93
CA ALA A 177 3.24 -13.04 2.32
C ALA A 177 2.74 -11.79 3.02
N ASP A 178 1.49 -11.39 2.79
CA ASP A 178 0.92 -10.24 3.49
C ASP A 178 0.96 -10.45 5.00
N VAL A 179 0.75 -11.69 5.45
CA VAL A 179 0.62 -11.98 6.87
C VAL A 179 1.86 -12.65 7.45
N GLN A 180 2.68 -13.32 6.64
CA GLN A 180 3.90 -13.97 7.11
C GLN A 180 4.77 -12.97 7.88
N GLY A 181 5.35 -13.43 8.99
CA GLY A 181 6.17 -12.61 9.85
C GLY A 181 5.41 -11.84 10.92
N ASP A 182 4.12 -11.60 10.72
CA ASP A 182 3.31 -10.79 11.62
C ASP A 182 2.07 -11.57 12.05
N GLU A 183 2.20 -12.89 12.18
CA GLU A 183 1.02 -13.74 12.23
C GLU A 183 0.16 -13.44 13.45
N TYR A 184 0.71 -13.58 14.65
CA TYR A 184 -0.19 -13.46 15.80
C TYR A 184 -0.73 -12.04 15.93
N HIS A 185 0.03 -11.01 15.52
N HIS A 185 0.04 -11.03 15.51
CA HIS A 185 -0.51 -9.66 15.62
CA HIS A 185 -0.45 -9.66 15.59
C HIS A 185 -1.74 -9.50 14.75
C HIS A 185 -1.71 -9.49 14.75
N ILE A 186 -1.70 -10.02 13.53
CA ILE A 186 -2.83 -9.89 12.63
C ILE A 186 -4.05 -10.63 13.16
N VAL A 187 -3.84 -11.84 13.71
CA VAL A 187 -4.96 -12.61 14.25
C VAL A 187 -5.63 -11.84 15.40
N LEU A 188 -4.84 -11.22 16.27
CA LEU A 188 -5.39 -10.50 17.41
C LEU A 188 -6.03 -9.18 16.97
N THR A 189 -5.46 -8.50 15.98
CA THR A 189 -6.08 -7.28 15.49
C THR A 189 -7.44 -7.56 14.87
N LEU A 190 -7.54 -8.65 14.11
CA LEU A 190 -8.82 -9.03 13.55
C LEU A 190 -9.83 -9.29 14.65
N ALA A 191 -9.39 -9.95 15.74
CA ALA A 191 -10.26 -10.14 16.89
C ALA A 191 -10.77 -8.81 17.44
N ARG A 192 -9.87 -7.81 17.54
CA ARG A 192 -10.29 -6.50 18.04
C ARG A 192 -11.25 -5.80 17.08
N ILE A 193 -10.96 -5.88 15.77
CA ILE A 193 -11.85 -5.27 14.78
C ILE A 193 -13.23 -5.89 14.89
N TRP A 194 -13.27 -7.21 14.96
CA TRP A 194 -14.53 -7.93 15.08
C TRP A 194 -15.30 -7.48 16.32
N TYR A 195 -14.61 -7.44 17.45
CA TYR A 195 -15.17 -6.96 18.70
C TYR A 195 -15.76 -5.56 18.57
N THR A 196 -14.98 -4.62 18.04
CA THR A 196 -15.47 -3.24 17.92
C THR A 196 -16.68 -3.15 17.00
N LEU A 197 -16.70 -3.88 15.88
CA LEU A 197 -17.86 -3.80 14.99
C LEU A 197 -19.11 -4.41 15.64
N SER A 198 -18.94 -5.39 16.51
CA SER A 198 -20.08 -6.05 17.11
C SER A 198 -20.61 -5.33 18.33
N THR A 199 -19.76 -4.58 19.03
CA THR A 199 -20.14 -3.96 20.29
C THR A 199 -20.06 -2.46 20.26
N GLY A 200 -19.39 -1.88 19.26
CA GLY A 200 -19.13 -0.46 19.26
C GLY A 200 -18.07 -0.03 20.23
N ARG A 201 -17.35 -0.97 20.85
CA ARG A 201 -16.41 -0.66 21.92
C ARG A 201 -15.00 -1.10 21.59
N PHE A 202 -14.02 -0.59 22.34
CA PHE A 202 -12.63 -1.01 22.21
C PHE A 202 -12.21 -1.82 23.43
N THR A 203 -11.34 -2.81 23.22
CA THR A 203 -10.92 -3.66 24.32
C THR A 203 -9.52 -4.16 24.01
N SER A 204 -8.88 -4.73 25.02
CA SER A 204 -7.50 -5.17 24.87
C SER A 204 -7.42 -6.34 23.90
N LYS A 205 -6.20 -6.56 23.40
CA LYS A 205 -5.95 -7.70 22.52
C LYS A 205 -6.38 -9.00 23.18
N ASP A 206 -6.05 -9.15 24.47
CA ASP A 206 -6.30 -10.41 25.18
C ASP A 206 -7.79 -10.62 25.38
N ALA A 207 -8.49 -9.58 25.84
CA ALA A 207 -9.94 -9.63 26.05
C ALA A 207 -10.68 -9.83 24.74
N ALA A 208 -10.22 -9.19 23.67
CA ALA A 208 -10.81 -9.40 22.36
C ALA A 208 -10.72 -10.87 21.95
N ALA A 209 -9.57 -11.50 22.17
CA ALA A 209 -9.46 -12.91 21.87
C ALA A 209 -10.45 -13.73 22.70
N ASP A 210 -10.53 -13.45 24.00
CA ASP A 210 -11.45 -14.19 24.87
C ASP A 210 -12.90 -14.04 24.40
N TRP A 211 -13.28 -12.85 23.94
CA TRP A 211 -14.64 -12.59 23.50
C TRP A 211 -14.97 -13.36 22.23
N LEU A 212 -14.01 -13.45 21.30
CA LEU A 212 -14.25 -14.09 20.02
C LEU A 212 -14.22 -15.61 20.10
N LEU A 213 -13.39 -16.17 20.97
CA LEU A 213 -13.15 -17.62 20.97
C LEU A 213 -14.42 -18.46 21.01
N PRO A 214 -15.42 -18.20 21.87
CA PRO A 214 -16.62 -19.06 21.88
C PRO A 214 -17.46 -18.97 20.63
N GLN A 215 -17.25 -17.99 19.76
CA GLN A 215 -18.10 -17.82 18.60
C GLN A 215 -17.53 -18.49 17.37
N LEU A 216 -16.36 -19.07 17.47
CA LEU A 216 -15.62 -19.62 16.34
C LEU A 216 -15.79 -21.13 16.28
N PRO A 217 -15.83 -21.69 15.07
CA PRO A 217 -15.59 -23.14 14.94
C PRO A 217 -14.23 -23.47 15.55
N GLU A 218 -14.12 -24.69 16.09
CA GLU A 218 -12.96 -25.02 16.91
C GLU A 218 -11.65 -24.85 16.16
N ASP A 219 -11.64 -25.11 14.85
CA ASP A 219 -10.41 -24.95 14.08
C ASP A 219 -9.90 -23.50 14.11
N TYR A 220 -10.82 -22.53 14.02
CA TYR A 220 -10.42 -21.14 14.06
C TYR A 220 -10.10 -20.68 15.48
N ALA A 221 -10.84 -21.19 16.47
CA ALA A 221 -10.50 -20.87 17.86
C ALA A 221 -9.09 -21.34 18.20
N ALA A 222 -8.68 -22.49 17.65
CA ALA A 222 -7.34 -23.01 17.91
C ALA A 222 -6.27 -22.06 17.41
N THR A 223 -6.46 -21.48 16.23
CA THR A 223 -5.52 -20.49 15.73
C THR A 223 -5.52 -19.24 16.60
N LEU A 224 -6.72 -18.77 16.98
CA LEU A 224 -6.78 -17.56 17.81
C LEU A 224 -6.13 -17.81 19.16
N ARG A 225 -6.34 -19.00 19.71
CA ARG A 225 -5.75 -19.38 20.98
C ARG A 225 -4.22 -19.39 20.89
N ALA A 226 -3.67 -19.94 19.81
CA ALA A 226 -2.22 -19.94 19.64
C ALA A 226 -1.70 -18.52 19.59
N ALA A 227 -2.40 -17.63 18.87
CA ALA A 227 -1.97 -16.25 18.77
C ALA A 227 -2.03 -15.56 20.13
N GLN A 228 -3.13 -15.75 20.86
CA GLN A 228 -3.28 -15.16 22.18
C GLN A 228 -2.21 -15.68 23.12
N ARG A 229 -1.99 -16.99 23.12
CA ARG A 229 -0.99 -17.62 23.96
C ARG A 229 0.39 -17.04 23.73
N GLU A 230 0.79 -16.88 22.47
CA GLU A 230 2.09 -16.31 22.18
C GLU A 230 2.16 -14.87 22.68
N TYR A 231 1.13 -14.08 22.41
CA TYR A 231 1.16 -12.68 22.80
C TYR A 231 1.25 -12.56 24.32
N LEU A 232 0.58 -13.43 25.05
CA LEU A 232 0.68 -13.43 26.50
C LEU A 232 2.02 -13.96 27.01
N GLY A 233 2.92 -14.38 26.12
CA GLY A 233 4.19 -14.92 26.52
C GLY A 233 4.16 -16.33 27.07
N LEU A 234 3.06 -17.05 26.89
CA LEU A 234 2.93 -18.38 27.46
C LEU A 234 3.44 -19.47 26.55
N GLU A 235 3.66 -19.17 25.26
CA GLU A 235 4.21 -20.16 24.34
C GLU A 235 4.56 -19.55 22.98
N GLN A 236 5.77 -19.80 22.51
CA GLN A 236 6.16 -19.37 21.17
C GLN A 236 5.91 -20.51 20.19
N GLN A 237 5.01 -20.29 19.24
N GLN A 237 5.00 -20.30 19.25
CA GLN A 237 4.67 -21.24 18.20
CA GLN A 237 4.70 -21.27 18.23
C GLN A 237 5.68 -21.14 17.06
C GLN A 237 5.63 -21.13 17.03
N ASP A 238 5.66 -22.17 16.20
CA ASP A 238 6.35 -22.10 14.92
C ASP A 238 5.33 -21.54 13.94
N TRP A 239 5.41 -20.23 13.65
CA TRP A 239 4.37 -19.61 12.85
C TRP A 239 4.54 -19.86 11.37
N HIS A 240 5.68 -20.43 10.94
CA HIS A 240 5.77 -20.91 9.57
C HIS A 240 4.86 -22.11 9.36
N ILE A 241 4.88 -23.04 10.32
CA ILE A 241 3.99 -24.19 10.30
C ILE A 241 2.53 -23.74 10.36
N LEU A 242 2.24 -22.69 11.13
CA LEU A 242 0.87 -22.23 11.34
C LEU A 242 0.37 -21.29 10.26
N LEU A 243 1.24 -20.82 9.36
CA LEU A 243 0.84 -19.85 8.36
C LEU A 243 -0.38 -20.26 7.53
N PRO A 244 -0.48 -21.49 7.00
CA PRO A 244 -1.69 -21.83 6.23
C PRO A 244 -2.98 -21.67 7.04
N ALA A 245 -2.92 -21.98 8.34
CA ALA A 245 -4.07 -21.82 9.21
C ALA A 245 -4.33 -20.36 9.55
N VAL A 246 -3.29 -19.53 9.56
CA VAL A 246 -3.50 -18.09 9.73
C VAL A 246 -4.20 -17.52 8.51
N VAL A 247 -3.81 -17.96 7.31
CA VAL A 247 -4.46 -17.50 6.09
C VAL A 247 -5.94 -17.86 6.11
N ARG A 248 -6.25 -19.09 6.55
CA ARG A 248 -7.64 -19.48 6.69
C ARG A 248 -8.36 -18.62 7.71
N PHE A 249 -7.70 -18.31 8.83
CA PHE A 249 -8.32 -17.45 9.84
C PHE A 249 -8.60 -16.06 9.28
N VAL A 250 -7.62 -15.46 8.59
CA VAL A 250 -7.85 -14.16 7.95
C VAL A 250 -9.04 -14.22 7.00
N ASP A 251 -9.09 -15.26 6.16
CA ASP A 251 -10.22 -15.39 5.24
C ASP A 251 -11.53 -15.57 5.99
N PHE A 252 -11.50 -16.33 7.09
CA PHE A 252 -12.73 -16.50 7.88
C PHE A 252 -13.20 -15.18 8.46
N ALA A 253 -12.27 -14.37 9.02
CA ALA A 253 -12.65 -13.06 9.52
C ALA A 253 -13.22 -12.18 8.40
N LYS A 254 -12.59 -12.18 7.22
CA LYS A 254 -13.12 -11.36 6.13
C LYS A 254 -14.53 -11.80 5.74
N ALA A 255 -14.81 -13.09 5.84
CA ALA A 255 -16.13 -13.58 5.46
C ALA A 255 -17.17 -13.32 6.53
N HIS A 256 -16.77 -13.22 7.80
CA HIS A 256 -17.75 -13.21 8.88
C HIS A 256 -17.82 -11.93 9.70
N ILE A 257 -16.82 -11.06 9.65
CA ILE A 257 -16.86 -9.82 10.45
C ILE A 257 -18.00 -8.94 9.92
N PRO A 258 -18.80 -8.31 10.78
CA PRO A 258 -19.93 -7.52 10.29
C PRO A 258 -19.48 -6.41 9.34
N THR A 259 -20.36 -6.08 8.40
CA THR A 259 -20.13 -5.02 7.44
C THR A 259 -20.73 -3.69 7.89
N GLN A 260 -21.37 -3.65 9.04
CA GLN A 260 -21.94 -2.45 9.61
C GLN A 260 -22.00 -2.69 11.10
N PHE A 261 -22.01 -1.61 11.88
CA PHE A 261 -22.06 -1.80 13.32
C PHE A 261 -23.32 -2.54 13.71
N THR A 262 -23.17 -3.57 14.54
CA THR A 262 -24.31 -4.33 15.06
C THR A 262 -25.18 -3.45 15.95
N THR B 2 2.10 -12.03 -37.86
CA THR B 2 3.06 -11.74 -36.80
C THR B 2 3.14 -10.24 -36.49
N LEU B 3 3.30 -9.93 -35.20
CA LEU B 3 3.28 -8.55 -34.74
C LEU B 3 4.59 -7.84 -35.06
N SER B 4 4.51 -6.52 -35.28
CA SER B 4 5.64 -5.71 -35.73
C SER B 4 6.06 -4.69 -34.67
N ILE B 5 7.37 -4.46 -34.58
CA ILE B 5 7.88 -3.34 -33.80
C ILE B 5 7.78 -2.07 -34.63
N PRO B 6 7.19 -0.99 -34.12
CA PRO B 6 7.16 0.26 -34.88
C PRO B 6 8.56 0.69 -35.26
N PRO B 7 8.81 0.97 -36.54
CA PRO B 7 10.13 1.47 -36.94
C PRO B 7 10.61 2.61 -36.04
N SER B 8 9.71 3.48 -35.58
CA SER B 8 10.14 4.66 -34.84
C SER B 8 10.69 4.35 -33.43
N ILE B 9 10.54 3.13 -32.92
CA ILE B 9 11.17 2.76 -31.65
C ILE B 9 12.22 1.67 -31.79
N GLN B 10 12.50 1.20 -33.01
CA GLN B 10 13.40 0.06 -33.21
C GLN B 10 14.81 0.28 -32.67
N GLN B 12 15.92 2.44 -30.33
CA GLN B 12 15.98 2.51 -28.87
C GLN B 12 15.70 1.13 -28.25
N THR B 13 14.70 0.42 -28.80
CA THR B 13 14.35 -0.91 -28.31
C THR B 13 15.51 -1.89 -28.46
N GLU B 14 16.21 -1.86 -29.60
CA GLU B 14 17.35 -2.73 -29.73
C GLU B 14 18.45 -2.34 -28.74
N ALA B 15 18.58 -1.05 -28.46
CA ALA B 15 19.60 -0.63 -27.48
C ALA B 15 19.23 -1.07 -26.06
N ALA B 16 17.94 -1.08 -25.74
CA ALA B 16 17.50 -1.54 -24.42
C ALA B 16 17.75 -3.04 -24.30
N ARG B 18 19.94 -4.83 -25.89
CA ARG B 18 21.38 -5.11 -25.83
C ARG B 18 21.96 -4.81 -24.46
N LEU B 19 21.49 -3.75 -23.81
CA LEU B 19 21.92 -3.44 -22.45
C LEU B 19 21.47 -4.51 -21.48
N ILE B 20 20.17 -4.84 -21.53
CA ILE B 20 19.63 -5.86 -20.65
C ILE B 20 20.40 -7.16 -20.83
N THR B 21 20.62 -7.58 -22.08
CA THR B 21 21.31 -8.83 -22.36
C THR B 21 22.71 -8.83 -21.76
N ARG B 22 23.44 -7.71 -21.90
CA ARG B 22 24.81 -7.67 -21.42
C ARG B 22 24.88 -7.69 -19.90
N VAL B 23 24.01 -6.93 -19.23
CA VAL B 23 24.07 -6.85 -17.77
C VAL B 23 23.58 -8.14 -17.12
N THR B 24 22.46 -8.68 -17.59
CA THR B 24 21.92 -9.90 -16.99
C THR B 24 22.76 -11.12 -17.33
N GLY B 25 23.34 -11.14 -18.53
CA GLY B 25 24.17 -12.25 -18.97
C GLY B 25 23.54 -13.62 -18.76
N ASP B 26 24.18 -14.42 -17.92
CA ASP B 26 23.88 -15.85 -17.82
C ASP B 26 22.45 -16.10 -17.32
N THR B 27 21.94 -15.22 -16.46
CA THR B 27 20.63 -15.42 -15.85
C THR B 27 19.45 -15.05 -16.75
N LEU B 28 19.69 -14.42 -17.90
CA LEU B 28 18.59 -13.96 -18.73
C LEU B 28 17.87 -15.14 -19.38
N ARG B 29 16.55 -15.17 -19.23
N ARG B 29 16.56 -15.19 -19.22
CA ARG B 29 15.70 -16.15 -19.89
CA ARG B 29 15.73 -16.17 -19.93
C ARG B 29 15.01 -15.59 -21.12
C ARG B 29 15.02 -15.57 -21.14
N ALA B 30 14.45 -14.38 -21.03
CA ALA B 30 13.74 -13.77 -22.15
C ALA B 30 13.54 -12.28 -21.93
N ILE B 31 13.25 -11.58 -23.03
CA ILE B 31 12.83 -10.18 -23.04
C ILE B 31 11.63 -10.06 -23.97
N HIS B 32 10.54 -9.48 -23.47
CA HIS B 32 9.34 -9.31 -24.28
C HIS B 32 8.95 -7.84 -24.35
N LEU B 33 8.71 -7.37 -25.56
CA LEU B 33 8.09 -6.09 -25.79
C LEU B 33 6.58 -6.29 -25.79
N TYR B 34 5.87 -5.44 -25.08
CA TYR B 34 4.42 -5.57 -25.02
C TYR B 34 3.82 -4.16 -24.90
N GLY B 35 2.52 -4.09 -24.58
CA GLY B 35 1.94 -2.76 -24.36
C GLY B 35 1.68 -2.05 -25.68
N SER B 36 1.48 -0.73 -25.61
CA SER B 36 0.86 -0.04 -26.73
C SER B 36 1.76 -0.02 -27.97
N ALA B 37 3.09 -0.14 -27.81
CA ALA B 37 3.96 -0.22 -28.97
C ALA B 37 3.61 -1.43 -29.84
N VAL B 38 3.08 -2.50 -29.23
CA VAL B 38 2.72 -3.71 -29.94
C VAL B 38 1.21 -3.82 -30.11
N ALA B 39 0.45 -3.55 -29.04
CA ALA B 39 -1.00 -3.72 -29.06
C ALA B 39 -1.72 -2.57 -29.73
N GLY B 40 -1.08 -1.43 -29.91
CA GLY B 40 -1.78 -0.31 -30.51
C GLY B 40 -1.95 0.84 -29.54
N GLY B 41 -1.96 2.05 -30.09
CA GLY B 41 -2.15 3.25 -29.30
C GLY B 41 -0.86 3.88 -28.82
N LEU B 42 0.16 3.87 -29.67
CA LEU B 42 1.43 4.50 -29.31
C LEU B 42 1.32 6.01 -29.52
N LYS B 43 1.28 6.75 -28.41
CA LYS B 43 1.11 8.20 -28.40
C LYS B 43 2.45 8.89 -28.10
N PRO B 44 2.54 10.22 -28.35
CA PRO B 44 3.81 10.92 -28.08
C PRO B 44 4.37 10.71 -26.67
N ASN B 45 3.53 10.70 -25.63
CA ASN B 45 3.99 10.46 -24.27
C ASN B 45 4.12 8.98 -23.92
N SER B 46 3.76 8.09 -24.84
CA SER B 46 3.73 6.67 -24.47
C SER B 46 5.14 6.15 -24.19
N ASP B 47 5.20 5.21 -23.26
CA ASP B 47 6.44 4.53 -22.93
C ASP B 47 6.65 3.33 -23.84
N ILE B 48 7.79 2.65 -23.67
CA ILE B 48 8.10 1.37 -24.29
C ILE B 48 8.11 0.33 -23.18
N ASP B 49 7.24 -0.67 -23.26
CA ASP B 49 7.04 -1.61 -22.16
C ASP B 49 7.80 -2.90 -22.41
N LEU B 50 8.64 -3.29 -21.46
CA LEU B 50 9.55 -4.41 -21.57
C LEU B 50 9.41 -5.29 -20.35
N LEU B 51 9.23 -6.59 -20.56
CA LEU B 51 9.30 -7.58 -19.48
C LEU B 51 10.58 -8.39 -19.63
N VAL B 52 11.38 -8.43 -18.57
CA VAL B 52 12.63 -9.20 -18.53
C VAL B 52 12.43 -10.37 -17.57
N THR B 53 12.49 -11.59 -18.10
CA THR B 53 12.40 -12.81 -17.30
C THR B 53 13.80 -13.34 -17.05
N ILE B 54 14.13 -13.55 -15.77
CA ILE B 54 15.45 -14.08 -15.41
C ILE B 54 15.29 -15.35 -14.58
N GLN B 56 17.83 -16.66 -12.02
CA GLN B 56 18.25 -16.39 -10.65
C GLN B 56 18.06 -14.92 -10.33
N PRO B 57 17.90 -14.58 -9.06
CA PRO B 57 17.76 -13.16 -8.69
C PRO B 57 18.97 -12.34 -9.09
N LEU B 58 18.77 -11.03 -9.09
CA LEU B 58 19.80 -10.07 -9.49
C LEU B 58 20.69 -9.74 -8.30
N THR B 59 22.00 -9.78 -8.52
CA THR B 59 22.92 -9.27 -7.51
C THR B 59 22.76 -7.75 -7.41
N GLU B 60 23.29 -7.19 -6.33
CA GLU B 60 23.18 -5.75 -6.17
C GLU B 60 24.01 -4.99 -7.20
N ALA B 61 25.11 -5.58 -7.67
CA ALA B 61 25.89 -4.97 -8.74
C ALA B 61 25.09 -4.94 -10.03
N GLN B 62 24.47 -6.07 -10.38
CA GLN B 62 23.59 -6.12 -11.54
C GLN B 62 22.47 -5.11 -11.41
N ARG B 63 21.73 -5.16 -10.30
N ARG B 63 21.73 -5.16 -10.30
CA ARG B 63 20.61 -4.26 -10.08
CA ARG B 63 20.60 -4.25 -10.11
C ARG B 63 21.03 -2.80 -10.24
C ARG B 63 21.03 -2.80 -10.24
N ALA B 64 22.12 -2.42 -9.57
CA ALA B 64 22.61 -1.04 -9.67
C ALA B 64 23.03 -0.69 -11.09
N THR B 65 23.80 -1.58 -11.73
CA THR B 65 24.26 -1.32 -13.10
C THR B 65 23.07 -1.15 -14.04
N LEU B 66 22.07 -2.03 -13.92
CA LEU B 66 20.91 -1.96 -14.79
C LEU B 66 20.17 -0.63 -14.61
N MET B 67 19.86 -0.27 -13.36
CA MET B 67 19.12 0.96 -13.09
C MET B 67 19.83 2.19 -13.65
N GLN B 68 21.14 2.28 -13.42
CA GLN B 68 21.86 3.48 -13.82
C GLN B 68 21.94 3.59 -15.32
N GLU B 69 22.18 2.47 -16.01
CA GLU B 69 22.29 2.53 -17.47
C GLU B 69 20.92 2.76 -18.12
N LEU B 70 19.86 2.17 -17.55
CA LEU B 70 18.51 2.44 -18.06
C LEU B 70 18.19 3.92 -17.97
N LEU B 71 18.60 4.57 -16.89
CA LEU B 71 18.46 6.02 -16.78
C LEU B 71 19.00 6.71 -18.02
N ALA B 72 20.16 6.28 -18.49
CA ALA B 72 20.76 6.92 -19.67
C ALA B 72 20.09 6.50 -20.97
N LEU B 73 19.40 5.36 -20.99
CA LEU B 73 18.71 4.93 -22.19
C LEU B 73 17.29 5.45 -22.29
N SER B 74 16.73 5.94 -21.19
CA SER B 74 15.35 6.39 -21.11
C SER B 74 15.32 7.91 -20.93
N SER B 75 14.21 8.52 -21.34
N SER B 75 14.23 8.53 -21.36
CA SER B 75 13.96 9.94 -21.16
CA SER B 75 14.00 9.93 -21.06
C SER B 75 12.56 10.11 -20.56
C SER B 75 12.58 10.11 -20.57
N PRO B 76 12.30 11.20 -19.84
CA PRO B 76 10.94 11.41 -19.33
C PRO B 76 9.94 11.45 -20.45
N PRO B 77 8.72 10.96 -20.22
CA PRO B 77 7.72 10.89 -21.30
C PRO B 77 7.48 12.27 -21.88
N GLY B 78 7.41 12.34 -23.21
CA GLY B 78 7.18 13.60 -23.87
C GLY B 78 8.40 14.46 -24.09
N ALA B 79 9.54 14.12 -23.47
CA ALA B 79 10.71 14.97 -23.60
C ALA B 79 11.30 14.89 -25.01
N SER B 80 11.25 13.71 -25.64
CA SER B 80 11.83 13.53 -26.96
C SER B 80 10.98 12.58 -27.79
N ALA B 81 10.77 12.93 -29.06
CA ALA B 81 10.10 12.00 -29.96
C ALA B 81 10.99 10.84 -30.38
N GLU B 82 12.31 10.95 -30.23
CA GLU B 82 13.23 9.90 -30.64
C GLU B 82 13.83 9.15 -29.45
N LYS B 83 13.51 9.54 -28.22
CA LYS B 83 14.03 8.86 -27.03
C LYS B 83 12.92 8.78 -25.99
N ARG B 84 12.24 7.64 -25.95
CA ARG B 84 11.04 7.48 -25.14
C ARG B 84 11.37 7.05 -23.71
N ALA B 85 10.36 7.15 -22.86
CA ALA B 85 10.41 6.55 -21.54
C ALA B 85 10.39 5.03 -21.67
N LEU B 86 11.32 4.38 -20.96
CA LEU B 86 11.33 2.93 -20.86
C LEU B 86 10.65 2.52 -19.57
N GLU B 87 9.91 1.40 -19.63
CA GLU B 87 9.50 0.71 -18.42
C GLU B 87 10.01 -0.72 -18.53
N VAL B 88 10.84 -1.12 -17.58
CA VAL B 88 11.48 -2.42 -17.60
C VAL B 88 11.10 -3.12 -16.31
N THR B 89 10.36 -4.21 -16.44
CA THR B 89 9.96 -5.01 -15.29
C THR B 89 10.73 -6.31 -15.36
N VAL B 90 11.29 -6.70 -14.22
CA VAL B 90 12.15 -7.88 -14.13
C VAL B 90 11.46 -8.88 -13.20
N VAL B 91 11.30 -10.10 -13.69
CA VAL B 91 10.59 -11.14 -12.95
C VAL B 91 11.38 -12.43 -13.02
N LEU B 92 11.41 -13.14 -11.89
CA LEU B 92 11.94 -14.49 -11.84
C LEU B 92 11.01 -15.47 -12.55
N TYR B 93 11.60 -16.33 -13.39
CA TYR B 93 10.83 -17.39 -14.03
C TYR B 93 10.09 -18.24 -13.01
N SER B 94 10.69 -18.42 -11.83
CA SER B 94 10.13 -19.26 -10.78
C SER B 94 8.93 -18.62 -10.10
N GLN B 95 8.65 -17.35 -10.38
CA GLN B 95 7.42 -16.74 -9.88
C GLN B 95 6.24 -17.00 -10.80
N LEU B 96 6.47 -17.53 -12.00
CA LEU B 96 5.44 -17.65 -13.02
C LEU B 96 5.20 -19.07 -13.49
N VAL B 97 6.22 -19.93 -13.42
CA VAL B 97 6.11 -21.31 -13.83
C VAL B 97 6.80 -22.12 -12.75
N PRO B 98 6.01 -22.64 -11.78
CA PRO B 98 4.56 -22.47 -11.71
C PRO B 98 4.17 -21.13 -11.07
N TRP B 99 2.94 -20.70 -11.28
CA TRP B 99 2.50 -19.40 -10.78
C TRP B 99 2.60 -19.29 -9.26
N CYS B 100 3.08 -18.14 -8.79
N CYS B 100 3.06 -18.13 -8.79
CA CYS B 100 2.91 -17.69 -7.42
CA CYS B 100 2.91 -17.71 -7.41
C CYS B 100 1.89 -16.56 -7.39
C CYS B 100 1.92 -16.56 -7.37
N PHE B 101 0.97 -16.61 -6.44
CA PHE B 101 -0.10 -15.59 -6.38
C PHE B 101 -0.18 -14.82 -5.06
N PRO B 102 0.08 -13.51 -5.10
CA PRO B 102 0.53 -12.75 -6.28
C PRO B 102 1.99 -13.02 -6.61
N PRO B 103 2.36 -12.85 -7.86
CA PRO B 103 3.77 -12.97 -8.22
C PRO B 103 4.55 -11.83 -7.61
N SER B 104 5.84 -12.06 -7.46
CA SER B 104 6.79 -11.03 -7.09
C SER B 104 7.45 -10.49 -8.34
N ARG B 105 7.77 -9.20 -8.33
CA ARG B 105 8.62 -8.64 -9.36
C ARG B 105 9.97 -8.36 -8.74
N GLU B 106 11.04 -8.72 -9.46
CA GLU B 106 12.38 -8.55 -8.92
CA GLU B 106 12.39 -8.55 -8.94
C GLU B 106 12.78 -7.08 -8.88
N MET B 107 12.33 -6.29 -9.84
CA MET B 107 12.77 -4.92 -10.01
C MET B 107 11.85 -4.26 -11.02
N GLN B 108 11.69 -2.94 -10.91
CA GLN B 108 10.95 -2.17 -11.91
C GLN B 108 11.69 -0.86 -12.15
N PHE B 109 12.06 -0.63 -13.41
CA PHE B 109 12.54 0.68 -13.84
C PHE B 109 11.38 1.46 -14.45
N GLY B 110 11.24 2.71 -14.06
CA GLY B 110 10.28 3.58 -14.69
C GLY B 110 10.67 5.01 -14.50
N GLU B 111 10.24 5.87 -15.42
CA GLU B 111 10.57 7.29 -15.33
C GLU B 111 9.93 7.95 -14.10
N TRP B 112 8.77 7.45 -13.65
CA TRP B 112 8.14 7.99 -12.45
C TRP B 112 9.02 7.81 -11.21
N LEU B 113 10.11 7.05 -11.34
CA LEU B 113 11.08 6.83 -10.27
C LEU B 113 12.44 7.44 -10.56
N ARG B 114 12.53 8.34 -11.55
CA ARG B 114 13.85 8.87 -11.93
C ARG B 114 14.54 9.54 -10.74
N GLU B 115 13.78 10.25 -9.91
CA GLU B 115 14.42 11.03 -8.84
C GLU B 115 14.99 10.14 -7.75
N ASP B 116 14.37 8.99 -7.49
CA ASP B 116 14.97 8.04 -6.56
C ASP B 116 16.09 7.26 -7.22
N ILE B 117 15.85 6.80 -8.46
CA ILE B 117 16.81 5.97 -9.16
C ILE B 117 18.12 6.72 -9.39
N CYS B 118 18.03 8.03 -9.65
N CYS B 118 18.03 8.03 -9.65
CA CYS B 118 19.23 8.84 -9.83
CA CYS B 118 19.23 8.83 -9.82
C CYS B 118 20.01 9.01 -8.54
C CYS B 118 20.05 8.91 -8.54
N GLN B 119 19.42 8.68 -7.39
CA GLN B 119 20.11 8.69 -6.11
C GLN B 119 20.54 7.32 -5.67
N GLY B 120 20.37 6.29 -6.50
CA GLY B 120 20.68 4.94 -6.09
C GLY B 120 19.60 4.27 -5.26
N ILE B 121 18.44 4.89 -5.12
CA ILE B 121 17.34 4.36 -4.34
C ILE B 121 16.48 3.50 -5.26
N TYR B 122 16.54 2.19 -5.09
CA TYR B 122 15.81 1.24 -5.93
C TYR B 122 14.71 0.57 -5.12
N GLU B 123 13.53 0.46 -5.71
CA GLU B 123 12.48 -0.37 -5.12
C GLU B 123 12.99 -1.81 -5.01
N PRO B 124 12.76 -2.47 -3.89
CA PRO B 124 13.17 -3.87 -3.76
C PRO B 124 12.18 -4.78 -4.46
N ALA B 125 12.58 -6.05 -4.60
CA ALA B 125 11.62 -7.06 -5.03
C ALA B 125 10.39 -7.01 -4.12
N GLN B 126 9.23 -7.31 -4.69
CA GLN B 126 7.99 -7.18 -3.92
C GLN B 126 6.84 -7.79 -4.71
N GLN B 127 5.79 -8.14 -3.97
CA GLN B 127 4.56 -8.65 -4.58
C GLN B 127 3.94 -7.59 -5.47
N ASP B 128 3.33 -8.03 -6.57
CA ASP B 128 2.66 -7.11 -7.48
C ASP B 128 1.56 -7.86 -8.22
N TRP B 129 0.31 -7.65 -7.81
CA TRP B 129 -0.81 -8.25 -8.52
C TRP B 129 -0.80 -7.86 -9.99
N ASP B 130 -0.25 -6.69 -10.32
CA ASP B 130 -0.26 -6.30 -11.74
C ASP B 130 0.54 -7.26 -12.60
N MET B 131 1.53 -7.96 -12.03
N MET B 131 1.53 -7.96 -12.02
CA MET B 131 2.28 -8.91 -12.84
CA MET B 131 2.29 -8.93 -12.81
C MET B 131 1.36 -9.94 -13.50
C MET B 131 1.38 -9.94 -13.48
N VAL B 132 0.26 -10.29 -12.83
CA VAL B 132 -0.68 -11.23 -13.43
C VAL B 132 -1.28 -10.64 -14.69
N LEU B 133 -1.61 -9.35 -14.64
CA LEU B 133 -2.13 -8.67 -15.82
C LEU B 133 -1.05 -8.55 -16.90
N LEU B 134 0.19 -8.24 -16.51
CA LEU B 134 1.28 -8.13 -17.48
C LEU B 134 1.44 -9.41 -18.29
N ILE B 135 1.55 -10.56 -17.61
CA ILE B 135 1.76 -11.83 -18.31
C ILE B 135 0.55 -12.19 -19.14
N THR B 136 -0.66 -11.91 -18.64
CA THR B 136 -1.85 -12.18 -19.44
C THR B 136 -1.83 -11.35 -20.70
N GLN B 137 -1.49 -10.07 -20.60
CA GLN B 137 -1.41 -9.23 -21.80
C GLN B 137 -0.32 -9.71 -22.73
N ILE B 138 0.81 -10.14 -22.17
CA ILE B 138 1.96 -10.58 -22.96
C ILE B 138 1.67 -11.90 -23.66
N LEU B 139 0.91 -12.78 -23.01
CA LEU B 139 0.52 -14.05 -23.65
C LEU B 139 -0.30 -13.80 -24.91
N GLU B 140 -1.13 -12.76 -24.91
CA GLU B 140 -1.92 -12.45 -26.09
C GLU B 140 -1.12 -11.62 -27.10
N THR B 141 -0.46 -10.55 -26.66
CA THR B 141 0.12 -9.59 -27.60
C THR B 141 1.52 -9.19 -27.12
N SER B 142 2.56 -9.78 -27.73
CA SER B 142 3.93 -9.43 -27.36
C SER B 142 4.88 -9.86 -28.48
N ILE B 143 6.11 -9.34 -28.40
CA ILE B 143 7.19 -9.71 -29.30
C ILE B 143 8.41 -10.11 -28.47
N PRO B 144 8.93 -11.32 -28.63
CA PRO B 144 10.16 -11.70 -27.92
C PRO B 144 11.38 -11.07 -28.56
N LEU B 145 11.97 -10.09 -27.87
CA LEU B 145 13.24 -9.53 -28.33
C LEU B 145 14.40 -10.48 -28.04
N LYS B 146 14.24 -11.34 -27.05
CA LYS B 146 15.22 -12.36 -26.68
C LYS B 146 14.44 -13.52 -26.06
N GLY B 147 14.89 -14.74 -26.31
CA GLY B 147 14.20 -15.89 -25.78
C GLY B 147 12.98 -16.25 -26.61
N GLU B 148 12.08 -17.01 -25.98
CA GLU B 148 11.00 -17.66 -26.68
C GLU B 148 9.70 -16.85 -26.68
N ARG B 149 8.89 -17.10 -27.70
CA ARG B 149 7.46 -16.80 -27.74
C ARG B 149 6.83 -16.84 -26.36
N ALA B 150 5.99 -15.86 -26.03
CA ALA B 150 5.33 -15.85 -24.72
C ALA B 150 4.52 -17.12 -24.49
N GLU B 151 3.74 -17.55 -25.49
CA GLU B 151 2.90 -18.73 -25.29
C GLU B 151 3.72 -20.01 -25.12
N ARG B 152 5.02 -19.97 -25.39
CA ARG B 152 5.90 -21.11 -25.17
C ARG B 152 6.65 -21.02 -23.83
N LEU B 153 6.57 -19.89 -23.15
CA LEU B 153 7.29 -19.68 -21.91
C LEU B 153 6.38 -19.68 -20.70
N PHE B 154 5.26 -18.95 -20.76
CA PHE B 154 4.37 -18.75 -19.63
C PHE B 154 3.10 -19.56 -19.80
N THR B 155 2.40 -19.78 -18.67
CA THR B 155 1.07 -20.37 -18.75
C THR B 155 0.01 -19.35 -18.31
N PRO B 156 -1.19 -19.38 -18.87
CA PRO B 156 -2.24 -18.46 -18.41
C PRO B 156 -2.49 -18.67 -16.92
N ALA B 157 -2.76 -17.56 -16.22
CA ALA B 157 -3.23 -17.65 -14.85
C ALA B 157 -4.65 -18.22 -14.84
N PRO B 158 -5.08 -18.82 -13.72
CA PRO B 158 -6.50 -19.20 -13.60
C PRO B 158 -7.36 -17.95 -13.65
N ALA B 159 -8.55 -18.10 -14.22
CA ALA B 159 -9.48 -16.97 -14.27
C ALA B 159 -9.69 -16.35 -12.89
N ALA B 160 -9.68 -17.17 -11.84
CA ALA B 160 -9.95 -16.67 -10.49
C ALA B 160 -8.90 -15.67 -10.06
N GLN B 161 -7.63 -15.91 -10.44
CA GLN B 161 -6.58 -14.98 -10.04
C GLN B 161 -6.53 -13.77 -10.97
N LEU B 162 -6.86 -13.96 -12.24
CA LEU B 162 -6.95 -12.81 -13.14
C LEU B 162 -8.06 -11.86 -12.67
N LEU B 163 -9.18 -12.42 -12.22
CA LEU B 163 -10.23 -11.61 -11.60
C LEU B 163 -9.70 -10.83 -10.39
N LYS B 164 -8.96 -11.50 -9.50
CA LYS B 164 -8.44 -10.81 -8.32
C LYS B 164 -7.48 -9.69 -8.72
N ALA B 165 -6.60 -9.97 -9.68
CA ALA B 165 -5.65 -8.95 -10.13
C ALA B 165 -6.37 -7.76 -10.77
N LEU B 166 -7.44 -8.01 -11.54
CA LEU B 166 -8.15 -6.93 -12.21
C LEU B 166 -8.85 -6.01 -11.21
N ARG B 167 -9.43 -6.58 -10.17
CA ARG B 167 -10.21 -5.80 -9.22
C ARG B 167 -9.38 -5.19 -8.11
N TYR B 168 -8.16 -5.69 -7.90
CA TYR B 168 -7.35 -5.22 -6.78
C TYR B 168 -7.11 -3.70 -6.79
N PRO B 169 -6.78 -3.05 -7.92
CA PRO B 169 -6.61 -1.59 -7.89
C PRO B 169 -7.85 -0.81 -7.50
N LEU B 170 -9.05 -1.41 -7.53
CA LEU B 170 -10.23 -0.69 -7.04
C LEU B 170 -10.05 -0.24 -5.60
N ASP B 171 -9.40 -1.05 -4.75
CA ASP B 171 -9.18 -0.66 -3.37
C ASP B 171 -8.10 0.41 -3.23
N LEU B 172 -7.26 0.59 -4.23
CA LEU B 172 -6.21 1.62 -4.16
C LEU B 172 -6.82 3.01 -4.10
N TRP B 173 -7.93 3.22 -4.81
CA TRP B 173 -8.56 4.52 -4.95
C TRP B 173 -9.77 4.58 -4.03
N GLN B 174 -9.64 5.35 -2.95
CA GLN B 174 -10.78 5.62 -2.07
C GLN B 174 -10.93 7.12 -1.84
N SER B 175 -9.85 7.74 -1.34
CA SER B 175 -9.90 9.15 -0.97
C SER B 175 -9.71 10.05 -2.18
N THR B 176 -9.94 11.34 -1.95
CA THR B 176 -9.64 12.36 -2.95
C THR B 176 -8.14 12.42 -3.22
N ALA B 177 -7.33 12.43 -2.15
CA ALA B 177 -5.88 12.49 -2.35
C ALA B 177 -5.35 11.24 -3.03
N ASP B 178 -6.06 10.11 -2.88
CA ASP B 178 -5.67 8.88 -3.56
C ASP B 178 -5.61 9.07 -5.07
N VAL B 179 -6.54 9.85 -5.62
CA VAL B 179 -6.66 10.00 -7.07
C VAL B 179 -6.07 11.31 -7.57
N GLN B 180 -5.92 12.32 -6.70
CA GLN B 180 -5.41 13.63 -7.11
C GLN B 180 -4.04 13.51 -7.77
N GLY B 181 -3.83 14.28 -8.83
CA GLY B 181 -2.60 14.25 -9.60
C GLY B 181 -2.52 13.17 -10.66
N ASP B 182 -3.38 12.15 -10.59
CA ASP B 182 -3.34 11.03 -11.53
C ASP B 182 -4.72 10.82 -12.13
N GLU B 183 -5.49 11.91 -12.28
CA GLU B 183 -6.93 11.78 -12.49
C GLU B 183 -7.22 11.03 -13.78
N TYR B 184 -6.73 11.53 -14.92
CA TYR B 184 -7.20 10.89 -16.15
C TYR B 184 -6.65 9.49 -16.29
N HIS B 185 -5.48 9.19 -15.74
N HIS B 185 -5.47 9.22 -15.73
CA HIS B 185 -4.97 7.83 -15.83
CA HIS B 185 -4.94 7.87 -15.77
C HIS B 185 -5.90 6.87 -15.09
C HIS B 185 -5.88 6.89 -15.08
N ILE B 186 -6.35 7.25 -13.89
CA ILE B 186 -7.22 6.36 -13.13
C ILE B 186 -8.54 6.16 -13.86
N VAL B 187 -9.12 7.24 -14.41
CA VAL B 187 -10.38 7.12 -15.15
C VAL B 187 -10.20 6.15 -16.33
N LEU B 188 -9.08 6.25 -17.06
CA LEU B 188 -8.91 5.38 -18.22
C LEU B 188 -8.59 3.95 -17.79
N THR B 189 -7.86 3.77 -16.70
CA THR B 189 -7.56 2.41 -16.25
C THR B 189 -8.84 1.70 -15.81
N LEU B 190 -9.74 2.43 -15.14
CA LEU B 190 -11.01 1.85 -14.76
C LEU B 190 -11.80 1.44 -15.98
N ALA B 191 -11.75 2.27 -17.05
CA ALA B 191 -12.41 1.88 -18.30
C ALA B 191 -11.83 0.59 -18.86
N ARG B 192 -10.50 0.43 -18.79
CA ARG B 192 -9.91 -0.82 -19.27
C ARG B 192 -10.26 -2.00 -18.38
N ILE B 193 -10.29 -1.78 -17.06
CA ILE B 193 -10.66 -2.88 -16.16
C ILE B 193 -12.08 -3.31 -16.44
N TRP B 194 -12.97 -2.33 -16.64
CA TRP B 194 -14.37 -2.62 -16.93
C TRP B 194 -14.51 -3.42 -18.21
N TYR B 195 -13.84 -2.94 -19.27
CA TYR B 195 -13.79 -3.63 -20.56
C TYR B 195 -13.34 -5.08 -20.41
N THR B 196 -12.20 -5.30 -19.75
CA THR B 196 -11.66 -6.64 -19.63
C THR B 196 -12.61 -7.57 -18.87
N LEU B 197 -13.22 -7.08 -17.78
CA LEU B 197 -14.13 -7.95 -17.05
C LEU B 197 -15.38 -8.28 -17.87
N SER B 198 -15.80 -7.38 -18.76
CA SER B 198 -17.03 -7.61 -19.50
C SER B 198 -16.82 -8.47 -20.74
N THR B 199 -15.62 -8.46 -21.30
CA THR B 199 -15.38 -9.12 -22.56
C THR B 199 -14.32 -10.19 -22.47
N GLY B 200 -13.56 -10.24 -21.37
CA GLY B 200 -12.42 -11.13 -21.27
C GLY B 200 -11.23 -10.73 -22.12
N ARG B 201 -11.23 -9.52 -22.68
CA ARG B 201 -10.20 -9.10 -23.63
C ARG B 201 -9.47 -7.86 -23.12
N PHE B 202 -8.34 -7.56 -23.74
CA PHE B 202 -7.59 -6.35 -23.44
C PHE B 202 -7.67 -5.39 -24.63
N THR B 203 -7.70 -4.09 -24.33
CA THR B 203 -7.82 -3.12 -25.40
C THR B 203 -7.13 -1.84 -24.95
N SER B 204 -6.89 -0.94 -25.90
CA SER B 204 -6.15 0.28 -25.62
C SER B 204 -6.95 1.22 -24.71
N LYS B 205 -6.24 2.16 -24.10
CA LYS B 205 -6.91 3.15 -23.26
C LYS B 205 -8.00 3.89 -24.03
N ASP B 206 -7.71 4.26 -25.28
CA ASP B 206 -8.65 5.05 -26.07
C ASP B 206 -9.88 4.23 -26.44
N ALA B 207 -9.65 3.00 -26.90
CA ALA B 207 -10.74 2.11 -27.31
C ALA B 207 -11.62 1.70 -26.14
N ALA B 208 -11.00 1.48 -24.97
CA ALA B 208 -11.76 1.17 -23.75
C ALA B 208 -12.68 2.33 -23.39
N ALA B 209 -12.19 3.56 -23.51
CA ALA B 209 -13.04 4.71 -23.23
C ALA B 209 -14.21 4.75 -24.22
N ASP B 210 -13.95 4.54 -25.52
CA ASP B 210 -15.02 4.55 -26.51
C ASP B 210 -16.04 3.45 -26.23
N TRP B 211 -15.58 2.30 -25.75
CA TRP B 211 -16.46 1.18 -25.45
C TRP B 211 -17.36 1.49 -24.26
N LEU B 212 -16.83 2.14 -23.24
CA LEU B 212 -17.61 2.39 -22.04
C LEU B 212 -18.55 3.58 -22.19
N LEU B 213 -18.17 4.58 -22.97
CA LEU B 213 -18.91 5.85 -22.99
C LEU B 213 -20.41 5.70 -23.20
N PRO B 214 -20.91 4.88 -24.15
CA PRO B 214 -22.37 4.77 -24.33
C PRO B 214 -23.08 4.02 -23.23
N GLN B 215 -22.37 3.40 -22.30
CA GLN B 215 -23.01 2.66 -21.23
C GLN B 215 -23.17 3.48 -19.96
N LEU B 216 -22.76 4.65 -19.99
CA LEU B 216 -22.67 5.50 -18.81
C LEU B 216 -23.80 6.53 -18.82
N PRO B 217 -24.34 6.89 -17.65
CA PRO B 217 -25.10 8.13 -17.57
C PRO B 217 -24.22 9.28 -18.06
N GLU B 218 -24.86 10.32 -18.63
CA GLU B 218 -24.09 11.37 -19.30
C GLU B 218 -23.10 12.06 -18.37
N ASP B 219 -23.44 12.22 -17.08
CA ASP B 219 -22.50 12.87 -16.17
C ASP B 219 -21.19 12.10 -16.07
N TYR B 220 -21.27 10.77 -16.04
CA TYR B 220 -20.05 9.97 -15.99
C TYR B 220 -19.37 9.89 -17.35
N ALA B 221 -20.15 9.91 -18.43
CA ALA B 221 -19.55 9.95 -19.76
C ALA B 221 -18.72 11.22 -19.94
N ALA B 222 -19.19 12.34 -19.38
CA ALA B 222 -18.48 13.61 -19.53
C ALA B 222 -17.11 13.56 -18.85
N THR B 223 -17.04 12.94 -17.67
CA THR B 223 -15.76 12.79 -16.99
C THR B 223 -14.83 11.87 -17.79
N LEU B 224 -15.37 10.76 -18.32
CA LEU B 224 -14.54 9.85 -19.11
C LEU B 224 -14.08 10.51 -20.40
N ARG B 225 -14.99 11.23 -21.06
CA ARG B 225 -14.65 11.97 -22.27
C ARG B 225 -13.52 12.95 -22.01
N ALA B 226 -13.55 13.66 -20.88
CA ALA B 226 -12.50 14.62 -20.56
C ALA B 226 -11.16 13.91 -20.36
N ALA B 227 -11.18 12.78 -19.66
CA ALA B 227 -9.96 12.01 -19.46
C ALA B 227 -9.38 11.54 -20.78
N GLN B 228 -10.25 11.04 -21.67
CA GLN B 228 -9.82 10.54 -22.98
C GLN B 228 -9.23 11.68 -23.81
N ARG B 229 -9.91 12.83 -23.83
CA ARG B 229 -9.45 13.95 -24.66
C ARG B 229 -8.09 14.45 -24.20
N GLU B 230 -7.86 14.48 -22.89
CA GLU B 230 -6.55 14.88 -22.40
C GLU B 230 -5.50 13.85 -22.77
N TYR B 231 -5.81 12.57 -22.57
CA TYR B 231 -4.85 11.53 -22.92
C TYR B 231 -4.50 11.59 -24.39
N LEU B 232 -5.48 11.83 -25.24
CA LEU B 232 -5.19 11.93 -26.67
C LEU B 232 -4.51 13.24 -27.05
N GLY B 233 -4.25 14.12 -26.09
CA GLY B 233 -3.59 15.37 -26.38
C GLY B 233 -4.47 16.42 -27.01
N LEU B 234 -5.80 16.26 -26.94
CA LEU B 234 -6.72 17.21 -27.57
C LEU B 234 -7.12 18.36 -26.65
N GLU B 235 -6.91 18.22 -25.35
CA GLU B 235 -7.22 19.29 -24.40
C GLU B 235 -6.70 18.98 -23.01
N GLN B 236 -6.02 19.94 -22.38
CA GLN B 236 -5.58 19.79 -21.00
C GLN B 236 -6.58 20.46 -20.08
N GLN B 237 -7.25 19.65 -19.27
CA GLN B 237 -8.26 20.08 -18.32
C GLN B 237 -7.61 20.61 -17.04
N ASP B 238 -8.39 21.33 -16.27
CA ASP B 238 -8.02 21.65 -14.90
C ASP B 238 -8.53 20.52 -14.03
N TRP B 239 -7.66 19.58 -13.68
CA TRP B 239 -8.12 18.40 -12.96
C TRP B 239 -8.32 18.65 -11.48
N HIS B 240 -7.90 19.80 -10.96
CA HIS B 240 -8.31 20.16 -9.61
C HIS B 240 -9.79 20.51 -9.58
N ILE B 241 -10.25 21.22 -10.60
CA ILE B 241 -11.67 21.55 -10.76
C ILE B 241 -12.50 20.29 -10.97
N LEU B 242 -11.97 19.31 -11.72
CA LEU B 242 -12.71 18.09 -12.06
C LEU B 242 -12.58 17.00 -11.00
N LEU B 243 -11.72 17.18 -10.00
CA LEU B 243 -11.48 16.14 -9.01
C LEU B 243 -12.74 15.61 -8.34
N PRO B 244 -13.69 16.43 -7.87
CA PRO B 244 -14.92 15.86 -7.28
C PRO B 244 -15.68 14.94 -8.23
N ALA B 245 -15.69 15.28 -9.52
CA ALA B 245 -16.33 14.44 -10.51
C ALA B 245 -15.54 13.16 -10.77
N VAL B 246 -14.21 13.20 -10.61
CA VAL B 246 -13.39 12.00 -10.74
C VAL B 246 -13.69 11.03 -9.59
N VAL B 247 -13.80 11.56 -8.37
CA VAL B 247 -14.12 10.72 -7.22
C VAL B 247 -15.46 10.04 -7.43
N ARG B 248 -16.44 10.79 -7.95
CA ARG B 248 -17.73 10.20 -8.26
C ARG B 248 -17.60 9.11 -9.31
N PHE B 249 -16.77 9.35 -10.35
CA PHE B 249 -16.57 8.35 -11.38
C PHE B 249 -15.92 7.10 -10.80
N VAL B 250 -14.91 7.27 -9.95
CA VAL B 250 -14.29 6.12 -9.29
C VAL B 250 -15.32 5.35 -8.48
N ASP B 251 -16.14 6.06 -7.70
CA ASP B 251 -17.18 5.35 -6.93
C ASP B 251 -18.18 4.67 -7.85
N PHE B 252 -18.53 5.31 -8.97
CA PHE B 252 -19.47 4.68 -9.91
C PHE B 252 -18.88 3.40 -10.50
N ALA B 253 -17.61 3.43 -10.92
CA ALA B 253 -16.97 2.21 -11.40
C ALA B 253 -16.96 1.15 -10.31
N LYS B 254 -16.61 1.52 -9.08
CA LYS B 254 -16.57 0.51 -8.02
C LYS B 254 -17.93 -0.11 -7.79
N ALA B 255 -19.00 0.67 -8.01
CA ALA B 255 -20.35 0.16 -7.79
C ALA B 255 -20.84 -0.69 -8.96
N HIS B 256 -20.34 -0.44 -10.17
CA HIS B 256 -20.94 -1.04 -11.35
C HIS B 256 -20.05 -2.02 -12.11
N ILE B 257 -18.73 -1.98 -11.92
CA ILE B 257 -17.87 -2.93 -12.66
C ILE B 257 -18.20 -4.35 -12.24
N PRO B 258 -18.31 -5.30 -13.18
CA PRO B 258 -18.68 -6.67 -12.80
C PRO B 258 -17.76 -7.26 -11.75
N THR B 259 -18.33 -8.12 -10.91
CA THR B 259 -17.56 -8.80 -9.87
C THR B 259 -17.07 -10.17 -10.30
N GLN B 260 -17.33 -10.56 -11.54
CA GLN B 260 -16.93 -11.84 -12.10
C GLN B 260 -17.01 -11.67 -13.60
N PHE B 261 -16.22 -12.44 -14.34
CA PHE B 261 -16.21 -12.27 -15.78
C PHE B 261 -17.61 -12.50 -16.35
N THR B 262 -18.03 -11.58 -17.23
CA THR B 262 -19.41 -11.51 -17.70
C THR B 262 -19.71 -12.61 -18.72
N LYS B 263 -20.86 -13.26 -18.54
CA LYS B 263 -21.46 -14.18 -19.51
C LYS B 263 -20.47 -15.03 -20.31
#